data_1RIF
#
_entry.id   1RIF
#
_cell.length_a   42.739
_cell.length_b   95.181
_cell.length_c   86.278
_cell.angle_alpha   90.00
_cell.angle_beta   95.40
_cell.angle_gamma   90.00
#
_symmetry.space_group_name_H-M   'P 1 21 1'
#
loop_
_entity.id
_entity.type
_entity.pdbx_description
1 polymer 'DNA helicase uvsW'
2 non-polymer 'MAGNESIUM ION'
3 non-polymer 'GOLD ION'
4 water water
#
_entity_poly.entity_id   1
_entity_poly.type   'polypeptide(L)'
_entity_poly.pdbx_seq_one_letter_code
;MDIKVHFHDFSHVRIDCEESTFHELRDFFSFEADGYRFNPRFRYGNWDGRIRLLDYNRLLPFGLVGQIKKFCDNFGYKAW
IDPQINEKEELSRKDFDEWLSKLEIYSGNKRIEPHWYQKDAVFEGLVNRRRILNLPTSAGRSLIQALLARYYLENYEGKI
LIIVPTTALTTQMADDFVDYRLFSHAMIKKIGGGASKDDKYKNDAPVVVGTWQTVVKQPKEWFSQFGMMMNDECHLATGK
SISSIISGLNNCMFKFGLSGSLRDGKANIMQYVGMFGEIFKP
;
_entity_poly.pdbx_strand_id   A,B
#
loop_
_chem_comp.id
_chem_comp.type
_chem_comp.name
_chem_comp.formula
AU non-polymer 'GOLD ION' 'Au 1'
MG non-polymer 'MAGNESIUM ION' 'Mg 2'
#
# COMPACT_ATOMS: atom_id res chain seq x y z
N MET A 1 38.58 -3.12 -8.10
CA MET A 1 38.81 -4.14 -7.04
C MET A 1 38.63 -5.56 -7.57
N ASP A 2 37.71 -6.31 -6.96
CA ASP A 2 37.46 -7.69 -7.41
C ASP A 2 36.45 -7.71 -8.55
N ILE A 3 35.31 -7.07 -8.30
CA ILE A 3 34.23 -7.02 -9.27
C ILE A 3 33.68 -5.62 -9.40
N LYS A 4 33.58 -5.14 -10.64
CA LYS A 4 33.03 -3.81 -10.93
C LYS A 4 31.87 -4.02 -11.89
N VAL A 5 30.67 -3.65 -11.46
CA VAL A 5 29.50 -3.81 -12.30
C VAL A 5 29.07 -2.46 -12.89
N HIS A 6 29.21 -2.35 -14.21
CA HIS A 6 28.88 -1.11 -14.91
C HIS A 6 27.53 -1.13 -15.59
N PHE A 7 26.93 0.04 -15.69
CA PHE A 7 25.66 0.18 -16.35
C PHE A 7 25.93 -0.08 -17.84
N HIS A 8 24.95 -0.68 -18.53
CA HIS A 8 25.03 -1.00 -19.95
C HIS A 8 23.56 -1.15 -20.40
N ASP A 9 22.92 -0.05 -20.73
CA ASP A 9 21.50 -0.03 -21.10
C ASP A 9 20.57 -0.75 -20.10
N PHE A 10 19.26 -0.69 -20.34
CA PHE A 10 18.32 -1.31 -19.42
C PHE A 10 17.99 -2.77 -19.58
N SER A 11 18.73 -3.48 -20.42
CA SER A 11 18.50 -4.91 -20.59
C SER A 11 19.54 -5.69 -19.79
N HIS A 12 20.78 -5.20 -19.76
CA HIS A 12 21.88 -5.86 -19.05
C HIS A 12 22.85 -4.91 -18.36
N VAL A 13 23.70 -5.49 -17.53
CA VAL A 13 24.75 -4.74 -16.86
C VAL A 13 26.02 -5.46 -17.32
N ARG A 14 27.16 -4.77 -17.29
CA ARG A 14 28.41 -5.40 -17.71
C ARG A 14 29.28 -5.65 -16.50
N ILE A 15 29.89 -6.83 -16.45
CA ILE A 15 30.75 -7.17 -15.33
C ILE A 15 32.23 -7.21 -15.69
N ASP A 16 33.04 -6.56 -14.87
CA ASP A 16 34.49 -6.48 -15.03
C ASP A 16 35.12 -7.28 -13.92
N CYS A 17 35.96 -8.25 -14.28
CA CYS A 17 36.62 -9.10 -13.29
C CYS A 17 37.69 -9.94 -13.95
N GLU A 18 38.30 -10.82 -13.17
CA GLU A 18 39.34 -11.70 -13.69
C GLU A 18 38.71 -12.74 -14.61
N GLU A 19 39.55 -13.54 -15.26
CA GLU A 19 39.06 -14.57 -16.15
C GLU A 19 38.62 -15.75 -15.29
N SER A 20 39.21 -15.85 -14.10
CA SER A 20 38.89 -16.92 -13.18
C SER A 20 37.53 -16.70 -12.53
N THR A 21 37.28 -15.49 -12.07
CA THR A 21 36.01 -15.19 -11.42
C THR A 21 34.90 -15.19 -12.46
N PHE A 22 35.24 -14.84 -13.69
CA PHE A 22 34.28 -14.81 -14.77
C PHE A 22 33.67 -16.19 -15.00
N HIS A 23 34.52 -17.22 -14.98
CA HIS A 23 34.04 -18.57 -15.19
C HIS A 23 33.19 -19.03 -14.01
N GLU A 24 33.51 -18.54 -12.82
CA GLU A 24 32.74 -18.90 -11.65
C GLU A 24 31.37 -18.25 -11.79
N LEU A 25 31.37 -17.00 -12.20
CA LEU A 25 30.12 -16.25 -12.41
C LEU A 25 29.29 -16.84 -13.53
N ARG A 26 29.97 -17.34 -14.56
CA ARG A 26 29.32 -17.94 -15.72
C ARG A 26 28.60 -19.23 -15.36
N ASP A 27 29.16 -19.97 -14.41
CA ASP A 27 28.55 -21.22 -13.96
C ASP A 27 27.45 -20.90 -12.97
N PHE A 28 27.69 -19.87 -12.16
CA PHE A 28 26.74 -19.43 -11.15
C PHE A 28 25.42 -19.04 -11.82
N PHE A 29 25.50 -18.18 -12.84
CA PHE A 29 24.31 -17.73 -13.54
C PHE A 29 23.91 -18.59 -14.73
N SER A 30 23.85 -19.91 -14.50
CA SER A 30 23.46 -20.84 -15.55
C SER A 30 22.53 -21.88 -14.95
N PHE A 31 21.82 -22.59 -15.80
CA PHE A 31 20.92 -23.62 -15.36
C PHE A 31 20.73 -24.62 -16.47
N GLU A 32 20.30 -25.82 -16.09
CA GLU A 32 20.08 -26.91 -17.02
C GLU A 32 18.81 -26.63 -17.81
N ALA A 33 18.89 -26.71 -19.13
CA ALA A 33 17.73 -26.50 -19.98
C ALA A 33 16.85 -27.76 -19.95
N ASP A 34 15.56 -27.59 -19.75
CA ASP A 34 14.65 -28.74 -19.71
C ASP A 34 14.54 -29.35 -21.09
N GLY A 35 14.86 -30.63 -21.20
CA GLY A 35 14.76 -31.29 -22.49
C GLY A 35 16.05 -31.42 -23.25
N TYR A 36 17.16 -30.94 -22.69
CA TYR A 36 18.45 -31.07 -23.35
C TYR A 36 18.66 -32.58 -23.30
N ARG A 37 19.26 -33.12 -24.35
CA ARG A 37 19.53 -34.55 -24.51
C ARG A 37 18.78 -34.85 -25.79
N PHE A 38 17.72 -34.10 -26.02
CA PHE A 38 16.90 -34.23 -27.21
C PHE A 38 17.26 -33.13 -28.17
N ASN A 39 18.02 -32.15 -27.67
CA ASN A 39 18.43 -31.05 -28.51
C ASN A 39 19.68 -31.48 -29.29
N PRO A 40 19.62 -31.40 -30.63
CA PRO A 40 20.77 -31.79 -31.48
C PRO A 40 22.03 -30.94 -31.24
N ARG A 41 21.85 -29.75 -30.68
CA ARG A 41 22.98 -28.87 -30.39
C ARG A 41 23.83 -29.48 -29.28
N PHE A 42 23.19 -30.32 -28.47
CA PHE A 42 23.84 -31.04 -27.37
C PHE A 42 24.27 -32.41 -27.87
N ARG A 43 23.36 -33.11 -28.53
CA ARG A 43 23.65 -34.43 -29.04
C ARG A 43 24.79 -34.47 -30.04
N TYR A 44 24.90 -33.46 -30.89
CA TYR A 44 25.96 -33.43 -31.90
C TYR A 44 26.77 -32.14 -31.95
N GLY A 45 26.16 -31.04 -31.50
CA GLY A 45 26.82 -29.74 -31.54
C GLY A 45 27.77 -29.45 -30.39
N ASN A 46 27.97 -28.15 -30.14
CA ASN A 46 28.89 -27.69 -29.09
C ASN A 46 28.21 -27.28 -27.79
N TRP A 47 26.95 -27.65 -27.62
CA TRP A 47 26.22 -27.25 -26.42
C TRP A 47 26.25 -28.28 -25.29
N ASP A 48 26.46 -27.80 -24.06
CA ASP A 48 26.50 -28.68 -22.90
C ASP A 48 25.13 -28.82 -22.21
N GLY A 49 24.09 -28.32 -22.86
CA GLY A 49 22.74 -28.39 -22.31
C GLY A 49 22.37 -27.37 -21.25
N ARG A 50 23.27 -26.44 -20.95
CA ARG A 50 23.01 -25.42 -19.94
C ARG A 50 22.80 -24.04 -20.53
N ILE A 51 21.88 -23.31 -19.94
CA ILE A 51 21.57 -21.96 -20.37
C ILE A 51 22.41 -21.01 -19.53
N ARG A 52 23.20 -20.19 -20.21
CA ARG A 52 24.08 -19.22 -19.56
C ARG A 52 23.49 -17.80 -19.66
N LEU A 53 23.07 -17.24 -18.53
CA LEU A 53 22.52 -15.89 -18.53
C LEU A 53 23.67 -14.85 -18.58
N LEU A 54 24.87 -15.29 -18.22
CA LEU A 54 26.05 -14.41 -18.27
C LEU A 54 26.83 -14.85 -19.53
N ASP A 55 26.79 -14.05 -20.59
CA ASP A 55 27.47 -14.42 -21.81
C ASP A 55 28.97 -14.10 -21.75
N TYR A 56 29.70 -14.40 -22.81
CA TYR A 56 31.13 -14.13 -22.84
C TYR A 56 31.41 -12.65 -23.01
N ASN A 57 30.37 -11.88 -23.30
CA ASN A 57 30.51 -10.43 -23.44
C ASN A 57 30.45 -9.83 -22.04
N ARG A 58 30.39 -10.71 -21.04
CA ARG A 58 30.32 -10.30 -19.64
C ARG A 58 29.09 -9.43 -19.37
N LEU A 59 28.01 -9.70 -20.09
CA LEU A 59 26.75 -8.97 -19.93
C LEU A 59 25.79 -9.86 -19.16
N LEU A 60 25.11 -9.29 -18.17
CA LEU A 60 24.17 -10.03 -17.35
C LEU A 60 22.80 -9.33 -17.37
N PRO A 61 21.72 -10.10 -17.54
CA PRO A 61 20.43 -9.39 -17.54
C PRO A 61 20.28 -8.51 -16.28
N PHE A 62 19.88 -7.27 -16.50
CA PHE A 62 19.71 -6.27 -15.44
C PHE A 62 19.05 -6.80 -14.18
N GLY A 63 17.89 -7.42 -14.35
CA GLY A 63 17.14 -7.95 -13.22
C GLY A 63 17.87 -8.84 -12.24
N LEU A 64 19.01 -9.40 -12.63
CA LEU A 64 19.77 -10.30 -11.76
C LEU A 64 20.93 -9.67 -10.96
N VAL A 65 21.09 -8.35 -11.09
CA VAL A 65 22.16 -7.67 -10.37
C VAL A 65 22.15 -8.02 -8.88
N GLY A 66 20.96 -8.00 -8.28
CA GLY A 66 20.84 -8.28 -6.86
C GLY A 66 21.38 -9.62 -6.41
N GLN A 67 21.35 -10.60 -7.31
CA GLN A 67 21.83 -11.95 -7.02
C GLN A 67 23.35 -12.05 -6.96
N ILE A 68 24.05 -11.09 -7.53
CA ILE A 68 25.51 -11.11 -7.53
C ILE A 68 26.05 -11.03 -6.10
N LYS A 69 25.26 -10.47 -5.20
CA LYS A 69 25.69 -10.35 -3.80
C LYS A 69 25.79 -11.74 -3.18
N LYS A 70 24.94 -12.66 -3.62
CA LYS A 70 24.96 -14.04 -3.11
C LYS A 70 26.32 -14.59 -3.47
N PHE A 71 26.69 -14.39 -4.73
CA PHE A 71 27.96 -14.84 -5.29
C PHE A 71 29.14 -14.33 -4.47
N CYS A 72 29.36 -13.02 -4.52
CA CYS A 72 30.45 -12.37 -3.81
C CYS A 72 30.58 -12.80 -2.33
N ASP A 73 29.46 -13.09 -1.68
CA ASP A 73 29.52 -13.53 -0.28
C ASP A 73 30.17 -14.91 -0.19
N ASN A 74 29.77 -15.77 -1.12
CA ASN A 74 30.28 -17.14 -1.22
C ASN A 74 31.79 -17.22 -1.52
N PHE A 75 32.24 -16.46 -2.52
CA PHE A 75 33.65 -16.47 -2.90
C PHE A 75 34.47 -15.38 -2.23
N GLY A 76 33.88 -14.74 -1.21
CA GLY A 76 34.57 -13.67 -0.52
C GLY A 76 35.06 -12.57 -1.45
N TYR A 77 34.24 -12.20 -2.43
CA TYR A 77 34.63 -11.14 -3.35
C TYR A 77 34.14 -9.76 -2.96
N LYS A 78 34.91 -8.75 -3.36
CA LYS A 78 34.58 -7.35 -3.10
C LYS A 78 34.14 -6.74 -4.43
N ALA A 79 32.98 -6.09 -4.45
CA ALA A 79 32.49 -5.51 -5.69
C ALA A 79 31.92 -4.11 -5.63
N TRP A 80 32.16 -3.33 -6.70
CA TRP A 80 31.66 -1.97 -6.85
C TRP A 80 30.52 -2.02 -7.88
N ILE A 81 29.38 -1.45 -7.53
CA ILE A 81 28.24 -1.44 -8.43
C ILE A 81 27.93 -0.03 -8.90
N ASP A 82 27.93 0.16 -10.22
CA ASP A 82 27.65 1.47 -10.79
C ASP A 82 26.39 1.98 -10.09
N PRO A 83 26.46 3.18 -9.49
CA PRO A 83 25.29 3.73 -8.79
C PRO A 83 24.04 3.89 -9.67
N GLN A 84 24.24 4.04 -10.98
CA GLN A 84 23.11 4.21 -11.88
C GLN A 84 22.23 2.95 -11.89
N ILE A 85 22.83 1.82 -11.56
CA ILE A 85 22.13 0.54 -11.54
C ILE A 85 21.09 0.41 -10.43
N ASN A 86 21.42 0.94 -9.25
CA ASN A 86 20.51 0.86 -8.11
C ASN A 86 19.55 2.04 -8.03
N GLU A 87 19.56 2.89 -9.04
CA GLU A 87 18.71 4.07 -9.08
C GLU A 87 17.22 3.74 -8.99
N LYS A 88 16.51 4.49 -8.14
CA LYS A 88 15.09 4.31 -7.93
C LYS A 88 14.33 5.54 -8.41
N GLU A 89 13.02 5.40 -8.63
CA GLU A 89 12.20 6.53 -9.05
C GLU A 89 12.08 7.50 -7.89
N GLU A 90 12.23 8.78 -8.16
CA GLU A 90 12.10 9.75 -7.08
C GLU A 90 10.62 10.04 -6.98
N LEU A 91 9.94 9.18 -6.25
CA LEU A 91 8.51 9.29 -6.05
C LEU A 91 8.26 8.91 -4.60
N SER A 92 7.79 9.87 -3.81
CA SER A 92 7.48 9.61 -2.42
C SER A 92 6.09 9.03 -2.37
N ARG A 93 5.78 8.28 -1.33
CA ARG A 93 4.45 7.70 -1.25
C ARG A 93 3.44 8.84 -1.16
N LYS A 94 3.88 9.96 -0.62
CA LYS A 94 3.04 11.15 -0.48
C LYS A 94 2.65 11.71 -1.84
N ASP A 95 3.64 11.87 -2.72
CA ASP A 95 3.34 12.40 -4.03
C ASP A 95 2.64 11.38 -4.91
N PHE A 96 2.85 10.10 -4.63
CA PHE A 96 2.20 9.07 -5.41
C PHE A 96 0.71 9.16 -5.10
N ASP A 97 0.37 9.24 -3.82
CA ASP A 97 -1.03 9.30 -3.44
C ASP A 97 -1.67 10.57 -3.99
N GLU A 98 -0.91 11.67 -4.01
CA GLU A 98 -1.40 12.93 -4.57
C GLU A 98 -1.73 12.71 -6.06
N TRP A 99 -0.81 12.05 -6.77
CA TRP A 99 -1.00 11.76 -8.17
C TRP A 99 -2.25 10.90 -8.38
N LEU A 100 -2.42 9.89 -7.55
CA LEU A 100 -3.58 9.00 -7.65
C LEU A 100 -4.91 9.71 -7.42
N SER A 101 -4.92 10.71 -6.54
CA SER A 101 -6.15 11.41 -6.24
C SER A 101 -6.62 12.35 -7.34
N LYS A 102 -5.78 12.62 -8.33
CA LYS A 102 -6.18 13.50 -9.44
C LYS A 102 -6.78 12.71 -10.59
N LEU A 103 -6.68 11.39 -10.50
CA LEU A 103 -7.21 10.51 -11.53
C LEU A 103 -8.70 10.24 -11.32
N GLU A 104 -9.46 10.17 -12.41
CA GLU A 104 -10.88 9.88 -12.35
C GLU A 104 -11.07 8.56 -13.08
N ILE A 105 -11.01 7.45 -12.33
CA ILE A 105 -11.14 6.12 -12.91
C ILE A 105 -12.59 5.67 -12.90
N TYR A 106 -13.01 5.01 -13.98
CA TYR A 106 -14.39 4.54 -14.11
C TYR A 106 -14.56 3.06 -14.39
N SER A 107 -15.82 2.65 -14.35
CA SER A 107 -16.27 1.30 -14.64
C SER A 107 -17.62 1.61 -15.27
N GLY A 108 -17.63 1.72 -16.60
CA GLY A 108 -18.87 2.07 -17.27
C GLY A 108 -19.05 3.56 -17.00
N ASN A 109 -20.10 3.90 -16.28
CA ASN A 109 -20.36 5.31 -15.95
C ASN A 109 -20.19 5.55 -14.46
N LYS A 110 -19.85 4.50 -13.73
CA LYS A 110 -19.65 4.60 -12.31
C LYS A 110 -18.16 4.77 -11.97
N ARG A 111 -17.85 5.80 -11.17
CA ARG A 111 -16.47 6.02 -10.77
C ARG A 111 -16.08 4.95 -9.76
N ILE A 112 -14.84 4.50 -9.83
CA ILE A 112 -14.34 3.46 -8.94
C ILE A 112 -12.99 3.88 -8.36
N GLU A 113 -12.52 3.14 -7.36
CA GLU A 113 -11.23 3.44 -6.74
C GLU A 113 -10.35 2.21 -6.67
N PRO A 114 -9.05 2.37 -6.96
CA PRO A 114 -8.18 1.20 -6.90
C PRO A 114 -8.04 0.72 -5.45
N HIS A 115 -7.89 -0.58 -5.26
CA HIS A 115 -7.74 -1.15 -3.93
C HIS A 115 -6.37 -0.81 -3.34
N TRP A 116 -6.26 -0.90 -2.02
CA TRP A 116 -5.01 -0.62 -1.34
C TRP A 116 -3.86 -1.45 -1.91
N TYR A 117 -4.10 -2.74 -2.13
CA TYR A 117 -3.06 -3.62 -2.65
C TYR A 117 -2.66 -3.28 -4.06
N GLN A 118 -3.59 -2.71 -4.84
CA GLN A 118 -3.30 -2.31 -6.21
C GLN A 118 -2.40 -1.07 -6.15
N LYS A 119 -2.73 -0.17 -5.23
CA LYS A 119 -1.96 1.06 -5.03
C LYS A 119 -0.53 0.69 -4.57
N ASP A 120 -0.45 -0.26 -3.65
CA ASP A 120 0.85 -0.71 -3.14
C ASP A 120 1.69 -1.33 -4.26
N ALA A 121 1.08 -2.23 -5.03
CA ALA A 121 1.78 -2.89 -6.13
C ALA A 121 2.33 -1.89 -7.14
N VAL A 122 1.50 -0.93 -7.53
CA VAL A 122 1.91 0.10 -8.49
C VAL A 122 3.05 0.95 -7.92
N PHE A 123 2.92 1.35 -6.66
CA PHE A 123 3.96 2.14 -6.01
C PHE A 123 5.28 1.37 -5.94
N GLU A 124 5.21 0.11 -5.53
CA GLU A 124 6.39 -0.76 -5.43
C GLU A 124 7.10 -0.89 -6.77
N GLY A 125 6.32 -1.05 -7.82
CA GLY A 125 6.87 -1.21 -9.16
C GLY A 125 7.53 0.03 -9.70
N LEU A 126 6.84 1.16 -9.59
CA LEU A 126 7.39 2.42 -10.06
C LEU A 126 8.69 2.82 -9.39
N VAL A 127 8.72 2.82 -8.06
CA VAL A 127 9.92 3.18 -7.32
C VAL A 127 11.13 2.33 -7.68
N ASN A 128 10.92 1.01 -7.69
CA ASN A 128 11.99 0.07 -7.99
C ASN A 128 12.23 -0.22 -9.47
N ARG A 129 11.42 0.40 -10.34
CA ARG A 129 11.58 0.27 -11.79
C ARG A 129 11.22 -1.08 -12.42
N ARG A 130 11.64 -2.18 -11.79
CA ARG A 130 11.33 -3.49 -12.36
C ARG A 130 11.11 -4.56 -11.30
N ARG A 131 9.95 -5.21 -11.36
CA ARG A 131 9.58 -6.26 -10.42
C ARG A 131 8.67 -7.32 -11.03
N ILE A 132 8.60 -8.46 -10.35
CA ILE A 132 7.68 -9.51 -10.73
C ILE A 132 6.63 -9.26 -9.67
N LEU A 133 5.47 -8.76 -10.09
CA LEU A 133 4.40 -8.47 -9.16
C LEU A 133 3.63 -9.76 -8.98
N ASN A 134 3.79 -10.36 -7.81
CA ASN A 134 3.13 -11.62 -7.49
C ASN A 134 1.75 -11.41 -6.88
N LEU A 135 0.74 -11.22 -7.73
CA LEU A 135 -0.62 -11.02 -7.25
C LEU A 135 -1.59 -11.96 -7.95
N PRO A 136 -2.63 -12.41 -7.24
CA PRO A 136 -3.67 -13.33 -7.75
C PRO A 136 -4.45 -12.76 -8.93
N THR A 137 -4.90 -13.64 -9.81
CA THR A 137 -5.65 -13.22 -11.00
C THR A 137 -6.85 -12.34 -10.65
N SER A 138 -7.25 -12.34 -9.38
CA SER A 138 -8.39 -11.54 -8.95
C SER A 138 -7.99 -10.10 -8.63
N ALA A 139 -6.71 -9.88 -8.33
CA ALA A 139 -6.21 -8.54 -8.00
C ALA A 139 -6.47 -7.50 -9.09
N GLY A 140 -7.44 -7.79 -9.98
CA GLY A 140 -7.78 -6.88 -11.06
C GLY A 140 -6.51 -6.23 -11.59
N ARG A 141 -5.65 -7.05 -12.18
CA ARG A 141 -4.37 -6.60 -12.68
C ARG A 141 -4.42 -5.61 -13.82
N SER A 142 -5.55 -5.52 -14.53
CA SER A 142 -5.62 -4.59 -15.65
C SER A 142 -5.52 -3.16 -15.17
N LEU A 143 -6.06 -2.88 -13.98
CA LEU A 143 -6.00 -1.54 -13.40
C LEU A 143 -4.58 -1.23 -12.94
N ILE A 144 -3.89 -2.25 -12.43
CA ILE A 144 -2.51 -2.08 -11.97
C ILE A 144 -1.67 -1.74 -13.20
N GLN A 145 -1.89 -2.47 -14.28
CA GLN A 145 -1.17 -2.24 -15.52
C GLN A 145 -1.51 -0.88 -16.12
N ALA A 146 -2.80 -0.50 -16.06
CA ALA A 146 -3.25 0.80 -16.58
C ALA A 146 -2.61 1.95 -15.80
N LEU A 147 -2.53 1.81 -14.48
CA LEU A 147 -1.94 2.86 -13.66
C LEU A 147 -0.45 3.01 -13.93
N LEU A 148 0.23 1.88 -14.08
CA LEU A 148 1.65 1.86 -14.38
C LEU A 148 1.92 2.54 -15.74
N ALA A 149 1.11 2.22 -16.75
CA ALA A 149 1.27 2.83 -18.08
C ALA A 149 0.94 4.34 -18.06
N ARG A 150 -0.12 4.71 -17.34
CA ARG A 150 -0.55 6.11 -17.18
C ARG A 150 0.61 6.92 -16.60
N TYR A 151 1.19 6.43 -15.50
CA TYR A 151 2.29 7.09 -14.85
C TYR A 151 3.42 7.33 -15.83
N TYR A 152 3.84 6.29 -16.53
CA TYR A 152 4.91 6.40 -17.50
C TYR A 152 4.57 7.41 -18.59
N LEU A 153 3.36 7.28 -19.13
CA LEU A 153 2.88 8.15 -20.19
C LEU A 153 3.05 9.62 -19.81
N GLU A 154 2.67 9.96 -18.59
CA GLU A 154 2.76 11.35 -18.12
C GLU A 154 4.18 11.84 -17.82
N ASN A 155 5.07 10.93 -17.48
CA ASN A 155 6.43 11.32 -17.11
C ASN A 155 7.58 11.05 -18.08
N TYR A 156 7.33 10.26 -19.13
CA TYR A 156 8.38 9.94 -20.11
C TYR A 156 7.86 9.95 -21.54
N GLU A 157 8.79 10.10 -22.48
CA GLU A 157 8.44 10.15 -23.89
C GLU A 157 8.40 8.85 -24.69
N GLY A 158 8.98 7.78 -24.17
CA GLY A 158 8.92 6.54 -24.94
C GLY A 158 7.54 5.92 -25.11
N LYS A 159 7.52 4.63 -25.43
CA LYS A 159 6.26 3.91 -25.59
C LYS A 159 6.18 2.82 -24.53
N ILE A 160 4.99 2.23 -24.43
CA ILE A 160 4.73 1.16 -23.47
C ILE A 160 4.32 -0.11 -24.23
N LEU A 161 5.01 -1.21 -23.94
CA LEU A 161 4.71 -2.50 -24.57
C LEU A 161 4.04 -3.39 -23.52
N ILE A 162 2.86 -3.90 -23.84
CA ILE A 162 2.15 -4.77 -22.94
C ILE A 162 1.96 -6.09 -23.66
N ILE A 163 2.46 -7.17 -23.07
CA ILE A 163 2.36 -8.51 -23.67
C ILE A 163 1.30 -9.34 -22.93
N VAL A 164 0.33 -9.86 -23.67
CA VAL A 164 -0.72 -10.66 -23.06
C VAL A 164 -0.69 -12.07 -23.64
N PRO A 165 -1.27 -13.06 -22.92
CA PRO A 165 -1.26 -14.44 -23.40
C PRO A 165 -2.00 -14.77 -24.70
N THR A 166 -3.06 -14.04 -25.05
CA THR A 166 -3.80 -14.34 -26.28
C THR A 166 -4.31 -13.11 -27.02
N THR A 167 -4.70 -13.31 -28.28
CA THR A 167 -5.22 -12.23 -29.10
C THR A 167 -6.49 -11.67 -28.51
N ALA A 168 -7.34 -12.53 -27.95
CA ALA A 168 -8.58 -12.07 -27.35
C ALA A 168 -8.29 -11.13 -26.17
N LEU A 169 -7.20 -11.39 -25.46
CA LEU A 169 -6.83 -10.58 -24.31
C LEU A 169 -6.18 -9.27 -24.72
N THR A 170 -5.69 -9.23 -25.95
CA THR A 170 -5.09 -8.03 -26.52
C THR A 170 -6.22 -7.00 -26.63
N THR A 171 -7.34 -7.45 -27.18
CA THR A 171 -8.52 -6.59 -27.34
C THR A 171 -9.11 -6.21 -25.99
N GLN A 172 -9.16 -7.17 -25.08
CA GLN A 172 -9.71 -6.95 -23.75
C GLN A 172 -8.90 -5.92 -22.97
N MET A 173 -7.58 -6.00 -23.06
CA MET A 173 -6.70 -5.07 -22.35
C MET A 173 -6.93 -3.64 -22.84
N ALA A 174 -7.01 -3.49 -24.16
CA ALA A 174 -7.21 -2.20 -24.79
C ALA A 174 -8.57 -1.63 -24.36
N ASP A 175 -9.58 -2.49 -24.35
CA ASP A 175 -10.90 -2.07 -23.96
C ASP A 175 -10.93 -1.67 -22.48
N ASP A 176 -10.25 -2.43 -21.62
CA ASP A 176 -10.23 -2.11 -20.20
C ASP A 176 -9.64 -0.74 -19.97
N PHE A 177 -8.47 -0.48 -20.56
CA PHE A 177 -7.77 0.80 -20.44
C PHE A 177 -8.68 1.97 -20.80
N VAL A 178 -9.48 1.80 -21.84
CA VAL A 178 -10.39 2.85 -22.28
C VAL A 178 -11.61 2.93 -21.34
N ASP A 179 -12.03 1.79 -20.79
CA ASP A 179 -13.17 1.82 -19.87
C ASP A 179 -12.82 2.61 -18.60
N TYR A 180 -11.58 2.45 -18.15
CA TYR A 180 -11.10 3.17 -16.96
C TYR A 180 -11.07 4.67 -17.23
N ARG A 181 -10.86 4.98 -18.51
CA ARG A 181 -10.77 6.34 -19.02
C ARG A 181 -9.40 6.96 -18.78
N LEU A 182 -8.40 6.10 -18.62
CA LEU A 182 -7.03 6.55 -18.43
C LEU A 182 -6.37 6.68 -19.81
N PHE A 183 -6.99 6.05 -20.80
CA PHE A 183 -6.50 6.07 -22.18
C PHE A 183 -7.67 6.09 -23.16
N SER A 184 -7.39 6.49 -24.40
CA SER A 184 -8.38 6.50 -25.47
C SER A 184 -7.87 5.47 -26.49
N HIS A 185 -8.74 4.97 -27.37
CA HIS A 185 -8.30 3.97 -28.34
C HIS A 185 -7.23 4.43 -29.32
N ALA A 186 -7.29 5.69 -29.73
CA ALA A 186 -6.31 6.23 -30.65
C ALA A 186 -4.90 6.14 -30.04
N MET A 187 -4.85 5.98 -28.72
CA MET A 187 -3.59 5.88 -27.98
C MET A 187 -3.07 4.43 -27.81
N ILE A 188 -3.87 3.45 -28.22
CA ILE A 188 -3.49 2.05 -28.05
C ILE A 188 -3.52 1.26 -29.34
N LYS A 189 -2.34 0.82 -29.78
CA LYS A 189 -2.21 0.04 -31.00
C LYS A 189 -2.13 -1.45 -30.68
N LYS A 190 -3.04 -2.24 -31.25
CA LYS A 190 -3.00 -3.68 -31.00
C LYS A 190 -2.28 -4.30 -32.19
N ILE A 191 -1.26 -5.10 -31.93
CA ILE A 191 -0.53 -5.74 -33.03
C ILE A 191 -0.85 -7.23 -33.07
N GLY A 192 -0.61 -7.85 -34.22
CA GLY A 192 -0.87 -9.27 -34.38
C GLY A 192 -2.24 -9.61 -34.95
N GLY A 193 -2.80 -10.73 -34.49
CA GLY A 193 -4.09 -11.19 -34.96
C GLY A 193 -5.25 -10.23 -34.76
N GLY A 194 -5.68 -10.06 -33.51
CA GLY A 194 -6.77 -9.15 -33.21
C GLY A 194 -6.24 -7.73 -33.14
N ALA A 195 -5.15 -7.51 -33.86
CA ALA A 195 -4.46 -6.22 -33.95
C ALA A 195 -5.37 -5.10 -34.45
N SER A 196 -6.00 -4.38 -33.51
CA SER A 196 -6.92 -3.29 -33.85
C SER A 196 -7.85 -3.74 -35.00
N LYS A 197 -8.91 -2.99 -35.26
CA LYS A 197 -9.76 -3.37 -36.38
C LYS A 197 -8.86 -2.99 -37.56
N ASP A 198 -9.47 -2.52 -38.64
CA ASP A 198 -8.69 -2.07 -39.79
C ASP A 198 -8.08 -0.77 -39.26
N ASP A 199 -8.47 -0.45 -38.02
CA ASP A 199 -8.08 0.75 -37.27
C ASP A 199 -6.60 1.02 -37.01
N LYS A 200 -5.76 -0.02 -36.98
CA LYS A 200 -4.35 0.19 -36.72
C LYS A 200 -3.67 1.21 -37.63
N TYR A 201 -2.42 0.93 -37.99
CA TYR A 201 -1.66 1.84 -38.84
C TYR A 201 -1.45 3.09 -37.99
N LYS A 202 -1.64 2.92 -36.68
CA LYS A 202 -1.47 3.98 -35.69
C LYS A 202 -0.17 3.75 -34.95
N ASN A 203 0.93 4.06 -35.64
CA ASN A 203 2.27 3.89 -35.10
C ASN A 203 2.71 5.04 -34.21
N ASP A 204 1.80 5.97 -33.95
CA ASP A 204 2.11 7.12 -33.11
C ASP A 204 1.54 6.86 -31.71
N ALA A 205 0.83 5.75 -31.57
CA ALA A 205 0.22 5.37 -30.30
C ALA A 205 1.28 4.99 -29.28
N PRO A 206 1.23 5.61 -28.08
CA PRO A 206 2.20 5.33 -27.00
C PRO A 206 2.10 3.91 -26.42
N VAL A 207 0.91 3.31 -26.46
CA VAL A 207 0.73 1.96 -25.93
C VAL A 207 0.58 0.93 -27.05
N VAL A 208 1.39 -0.13 -26.96
CA VAL A 208 1.36 -1.22 -27.93
C VAL A 208 1.04 -2.53 -27.19
N VAL A 209 0.00 -3.24 -27.65
CA VAL A 209 -0.40 -4.47 -27.00
C VAL A 209 -0.38 -5.68 -27.93
N GLY A 210 0.25 -6.76 -27.48
CA GLY A 210 0.32 -7.96 -28.27
C GLY A 210 0.64 -9.21 -27.48
N THR A 211 0.80 -10.32 -28.20
CA THR A 211 1.10 -11.60 -27.57
C THR A 211 2.57 -11.90 -27.85
N TRP A 212 3.11 -12.89 -27.16
CA TRP A 212 4.50 -13.29 -27.34
C TRP A 212 4.82 -13.73 -28.77
N GLN A 213 3.91 -14.49 -29.38
CA GLN A 213 4.17 -15.00 -30.72
C GLN A 213 4.30 -13.89 -31.76
N THR A 214 3.59 -12.79 -31.57
CA THR A 214 3.68 -11.67 -32.50
C THR A 214 4.95 -10.91 -32.20
N VAL A 215 5.10 -10.53 -30.94
CA VAL A 215 6.24 -9.77 -30.45
C VAL A 215 7.60 -10.36 -30.80
N VAL A 216 7.76 -11.67 -30.65
CA VAL A 216 9.03 -12.32 -30.94
C VAL A 216 9.47 -12.17 -32.40
N LYS A 217 8.51 -11.94 -33.30
CA LYS A 217 8.79 -11.77 -34.73
C LYS A 217 9.11 -10.34 -35.14
N GLN A 218 9.44 -9.49 -34.18
CA GLN A 218 9.74 -8.10 -34.46
C GLN A 218 11.25 -7.88 -34.48
N PRO A 219 11.72 -6.95 -35.33
CA PRO A 219 13.16 -6.69 -35.37
C PRO A 219 13.72 -6.23 -34.03
N LYS A 220 14.94 -6.63 -33.73
CA LYS A 220 15.59 -6.26 -32.48
C LYS A 220 15.48 -4.75 -32.25
N GLU A 221 15.69 -3.97 -33.32
CA GLU A 221 15.62 -2.52 -33.25
C GLU A 221 14.22 -1.98 -32.89
N TRP A 222 13.19 -2.75 -33.19
CA TRP A 222 11.82 -2.35 -32.91
C TRP A 222 11.58 -2.12 -31.42
N PHE A 223 12.33 -2.84 -30.57
CA PHE A 223 12.19 -2.72 -29.13
C PHE A 223 12.84 -1.51 -28.48
N SER A 224 13.65 -0.76 -29.24
CA SER A 224 14.33 0.41 -28.68
C SER A 224 13.37 1.55 -28.30
N GLN A 225 12.20 1.55 -28.93
CA GLN A 225 11.19 2.59 -28.70
C GLN A 225 10.45 2.47 -27.38
N PHE A 226 10.61 1.36 -26.66
CA PHE A 226 9.89 1.19 -25.41
C PHE A 226 10.61 1.58 -24.13
N GLY A 227 9.91 2.34 -23.29
CA GLY A 227 10.47 2.78 -22.03
C GLY A 227 9.93 1.91 -20.89
N MET A 228 8.77 1.29 -21.14
CA MET A 228 8.14 0.44 -20.15
C MET A 228 7.55 -0.77 -20.86
N MET A 229 7.62 -1.93 -20.22
CA MET A 229 7.09 -3.18 -20.78
C MET A 229 6.49 -3.99 -19.66
N MET A 230 5.33 -4.60 -19.94
CA MET A 230 4.62 -5.43 -18.99
C MET A 230 4.17 -6.72 -19.64
N ASN A 231 4.22 -7.81 -18.87
CA ASN A 231 3.78 -9.11 -19.37
C ASN A 231 2.85 -9.72 -18.31
N ASP A 232 1.55 -9.73 -18.60
CA ASP A 232 0.58 -10.30 -17.69
C ASP A 232 0.62 -11.82 -17.88
N GLU A 233 0.78 -12.56 -16.78
CA GLU A 233 0.90 -14.02 -16.79
C GLU A 233 2.29 -14.35 -17.32
N CYS A 234 3.29 -13.69 -16.78
CA CYS A 234 4.66 -13.90 -17.23
C CYS A 234 5.18 -15.32 -17.01
N HIS A 235 4.45 -16.10 -16.21
CA HIS A 235 4.86 -17.48 -15.96
C HIS A 235 4.61 -18.36 -17.18
N LEU A 236 3.84 -17.83 -18.13
CA LEU A 236 3.54 -18.56 -19.35
C LEU A 236 4.57 -18.26 -20.42
N ALA A 237 5.42 -17.28 -20.15
CA ALA A 237 6.47 -16.91 -21.09
C ALA A 237 7.55 -17.98 -21.10
N THR A 238 8.13 -18.23 -22.27
CA THR A 238 9.21 -19.24 -22.38
C THR A 238 10.57 -18.56 -22.37
N GLY A 239 11.60 -19.35 -22.05
CA GLY A 239 12.95 -18.83 -21.99
C GLY A 239 13.43 -18.41 -23.36
N LYS A 240 12.88 -19.06 -24.37
CA LYS A 240 13.23 -18.75 -25.74
C LYS A 240 12.72 -17.36 -26.12
N SER A 241 11.48 -17.08 -25.73
CA SER A 241 10.87 -15.77 -26.00
C SER A 241 11.68 -14.69 -25.29
N ILE A 242 11.88 -14.87 -23.99
CA ILE A 242 12.61 -13.91 -23.18
C ILE A 242 13.99 -13.63 -23.76
N SER A 243 14.79 -14.68 -23.93
CA SER A 243 16.12 -14.47 -24.46
C SER A 243 16.08 -13.91 -25.88
N SER A 244 14.93 -14.05 -26.53
CA SER A 244 14.76 -13.56 -27.90
C SER A 244 14.59 -12.03 -28.02
N ILE A 245 13.93 -11.41 -27.05
CA ILE A 245 13.70 -9.96 -27.11
C ILE A 245 14.36 -9.12 -26.01
N ILE A 246 14.95 -9.77 -25.02
CA ILE A 246 15.55 -9.04 -23.90
C ILE A 246 16.61 -7.99 -24.28
N SER A 247 17.51 -8.33 -25.19
CA SER A 247 18.55 -7.40 -25.61
C SER A 247 17.97 -6.23 -26.39
N GLY A 248 16.85 -6.46 -27.08
CA GLY A 248 16.21 -5.41 -27.85
C GLY A 248 15.64 -4.28 -27.01
N LEU A 249 15.25 -4.58 -25.78
CA LEU A 249 14.68 -3.59 -24.88
C LEU A 249 15.80 -2.88 -24.12
N ASN A 250 16.67 -2.19 -24.87
CA ASN A 250 17.81 -1.54 -24.25
C ASN A 250 17.47 -0.21 -23.59
N ASN A 251 16.30 0.33 -23.90
CA ASN A 251 15.84 1.59 -23.31
C ASN A 251 14.68 1.38 -22.35
N CYS A 252 14.34 0.12 -22.09
CA CYS A 252 13.21 -0.23 -21.23
C CYS A 252 13.50 -0.16 -19.73
N MET A 253 13.44 1.06 -19.22
CA MET A 253 13.70 1.38 -17.84
C MET A 253 12.73 0.67 -16.89
N PHE A 254 11.46 0.57 -17.29
CA PHE A 254 10.46 -0.11 -16.47
C PHE A 254 10.07 -1.43 -17.11
N LYS A 255 10.04 -2.48 -16.30
CA LYS A 255 9.66 -3.79 -16.77
C LYS A 255 8.93 -4.50 -15.65
N PHE A 256 7.74 -5.02 -15.96
CA PHE A 256 6.94 -5.72 -14.97
C PHE A 256 6.35 -7.03 -15.45
N GLY A 257 6.41 -8.03 -14.59
CA GLY A 257 5.82 -9.32 -14.89
C GLY A 257 4.73 -9.46 -13.84
N LEU A 258 3.55 -9.90 -14.24
CA LEU A 258 2.47 -10.09 -13.27
C LEU A 258 2.03 -11.54 -13.29
N SER A 259 1.94 -12.16 -12.11
CA SER A 259 1.58 -13.56 -12.07
C SER A 259 1.23 -14.05 -10.69
N GLY A 260 0.23 -14.91 -10.62
CA GLY A 260 -0.19 -15.47 -9.35
C GLY A 260 0.41 -16.87 -9.21
N SER A 261 1.04 -17.34 -10.28
CA SER A 261 1.64 -18.66 -10.31
C SER A 261 3.13 -18.65 -10.71
N LEU A 262 4.00 -18.19 -9.82
CA LEU A 262 5.43 -18.14 -10.14
C LEU A 262 6.10 -19.51 -10.18
N ARG A 263 7.19 -19.60 -10.94
CA ARG A 263 7.94 -20.83 -11.09
C ARG A 263 9.07 -20.98 -10.04
N ASP A 264 8.71 -20.78 -8.77
CA ASP A 264 9.66 -20.87 -7.66
C ASP A 264 10.59 -22.09 -7.72
N GLY A 265 10.00 -23.26 -7.94
CA GLY A 265 10.79 -24.48 -8.00
C GLY A 265 11.30 -24.93 -9.36
N LYS A 266 11.23 -24.05 -10.35
CA LYS A 266 11.70 -24.39 -11.69
C LYS A 266 13.13 -23.89 -11.90
N ALA A 267 13.93 -24.68 -12.62
CA ALA A 267 15.33 -24.34 -12.89
C ALA A 267 15.55 -22.97 -13.54
N ASN A 268 14.62 -22.56 -14.40
CA ASN A 268 14.73 -21.30 -15.11
C ASN A 268 14.21 -20.04 -14.41
N ILE A 269 13.72 -20.16 -13.17
CA ILE A 269 13.22 -18.98 -12.46
C ILE A 269 14.20 -17.80 -12.60
N MET A 270 15.47 -18.15 -12.73
CA MET A 270 16.54 -17.17 -12.85
C MET A 270 16.38 -16.21 -14.04
N GLN A 271 15.91 -16.69 -15.18
CA GLN A 271 15.78 -15.80 -16.32
C GLN A 271 14.49 -14.97 -16.34
N TYR A 272 13.59 -15.22 -15.38
CA TYR A 272 12.37 -14.45 -15.30
C TYR A 272 12.70 -13.22 -14.45
N VAL A 273 13.56 -13.38 -13.45
CA VAL A 273 13.95 -12.24 -12.63
C VAL A 273 14.97 -11.42 -13.42
N GLY A 274 15.68 -12.09 -14.33
CA GLY A 274 16.64 -11.40 -15.16
C GLY A 274 15.92 -10.51 -16.16
N MET A 275 14.71 -10.92 -16.54
CA MET A 275 13.90 -10.16 -17.49
C MET A 275 12.93 -9.19 -16.82
N PHE A 276 12.42 -9.55 -15.65
CA PHE A 276 11.44 -8.73 -14.95
C PHE A 276 11.79 -8.10 -13.59
N GLY A 277 12.92 -8.48 -13.00
CA GLY A 277 13.28 -7.93 -11.70
C GLY A 277 12.89 -8.83 -10.54
N GLU A 278 13.25 -8.41 -9.33
CA GLU A 278 12.92 -9.20 -8.14
C GLU A 278 11.43 -9.35 -7.92
N ILE A 279 11.06 -10.42 -7.22
CA ILE A 279 9.67 -10.72 -6.94
C ILE A 279 9.10 -9.90 -5.79
N PHE A 280 7.84 -9.48 -5.93
CA PHE A 280 7.16 -8.71 -4.90
C PHE A 280 5.76 -9.25 -4.66
N LYS A 281 5.48 -9.66 -3.42
CA LYS A 281 4.15 -10.16 -3.07
C LYS A 281 3.48 -9.22 -2.08
N PRO A 282 2.33 -8.64 -2.45
CA PRO A 282 1.56 -7.70 -1.61
C PRO A 282 0.86 -8.37 -0.43
N MET B 1 -37.26 1.68 2.02
CA MET B 1 -36.25 2.35 2.89
C MET B 1 -35.26 3.12 2.02
N ASP B 2 -35.17 4.43 2.23
CA ASP B 2 -34.28 5.30 1.46
C ASP B 2 -32.81 4.96 1.60
N ILE B 3 -32.38 4.79 2.84
CA ILE B 3 -30.99 4.49 3.12
C ILE B 3 -30.85 3.29 4.05
N LYS B 4 -29.86 2.45 3.78
CA LYS B 4 -29.56 1.27 4.59
C LYS B 4 -28.06 1.29 4.94
N VAL B 5 -27.73 1.48 6.21
CA VAL B 5 -26.34 1.51 6.62
C VAL B 5 -25.93 0.19 7.25
N HIS B 6 -24.95 -0.46 6.64
CA HIS B 6 -24.45 -1.74 7.11
C HIS B 6 -23.15 -1.68 7.87
N PHE B 7 -22.93 -2.69 8.72
CA PHE B 7 -21.70 -2.80 9.47
C PHE B 7 -20.69 -3.31 8.42
N HIS B 8 -19.46 -2.86 8.53
CA HIS B 8 -18.38 -3.23 7.60
C HIS B 8 -17.09 -2.89 8.35
N ASP B 9 -16.62 -3.81 9.18
CA ASP B 9 -15.43 -3.59 10.02
C ASP B 9 -15.45 -2.28 10.82
N PHE B 10 -14.49 -2.14 11.74
CA PHE B 10 -14.44 -0.98 12.62
C PHE B 10 -13.83 0.31 12.09
N SER B 11 -13.44 0.32 10.82
CA SER B 11 -12.90 1.53 10.23
C SER B 11 -14.01 2.29 9.48
N HIS B 12 -14.90 1.56 8.80
CA HIS B 12 -16.00 2.16 8.02
C HIS B 12 -17.34 1.42 8.10
N VAL B 13 -18.39 2.10 7.63
CA VAL B 13 -19.75 1.53 7.55
C VAL B 13 -20.10 1.69 6.08
N ARG B 14 -20.81 0.75 5.48
CA ARG B 14 -21.15 0.93 4.07
C ARG B 14 -22.60 1.31 3.93
N ILE B 15 -22.82 2.36 3.15
CA ILE B 15 -24.14 2.90 2.90
C ILE B 15 -24.71 2.41 1.60
N ASP B 16 -25.94 1.95 1.65
CA ASP B 16 -26.63 1.47 0.46
C ASP B 16 -27.81 2.40 0.19
N CYS B 17 -27.83 2.97 -1.02
CA CYS B 17 -28.90 3.88 -1.41
C CYS B 17 -28.88 4.17 -2.91
N GLU B 18 -29.78 5.05 -3.36
CA GLU B 18 -29.83 5.42 -4.77
C GLU B 18 -28.61 6.25 -5.12
N GLU B 19 -28.31 6.37 -6.40
CA GLU B 19 -27.15 7.14 -6.84
C GLU B 19 -27.35 8.61 -6.49
N SER B 20 -28.58 9.09 -6.62
CA SER B 20 -28.88 10.49 -6.32
C SER B 20 -28.63 10.84 -4.86
N THR B 21 -29.11 10.01 -3.93
CA THR B 21 -28.90 10.30 -2.52
C THR B 21 -27.43 10.06 -2.15
N PHE B 22 -26.76 9.18 -2.90
CA PHE B 22 -25.34 8.89 -2.67
C PHE B 22 -24.51 10.14 -2.91
N HIS B 23 -24.83 10.87 -3.97
CA HIS B 23 -24.08 12.08 -4.27
C HIS B 23 -24.41 13.22 -3.34
N GLU B 24 -25.64 13.24 -2.82
CA GLU B 24 -26.02 14.28 -1.87
C GLU B 24 -25.21 14.02 -0.61
N LEU B 25 -25.05 12.73 -0.30
CA LEU B 25 -24.29 12.26 0.86
C LEU B 25 -22.81 12.61 0.74
N ARG B 26 -22.25 12.45 -0.47
CA ARG B 26 -20.85 12.78 -0.70
C ARG B 26 -20.59 14.26 -0.42
N ASP B 27 -21.55 15.11 -0.74
CA ASP B 27 -21.39 16.54 -0.49
C ASP B 27 -21.66 16.84 0.96
N PHE B 28 -22.61 16.11 1.56
CA PHE B 28 -22.92 16.31 2.97
C PHE B 28 -21.63 16.06 3.78
N PHE B 29 -20.97 14.94 3.51
CA PHE B 29 -19.73 14.60 4.20
C PHE B 29 -18.49 15.09 3.45
N SER B 30 -18.47 16.39 3.17
CA SER B 30 -17.34 17.02 2.47
C SER B 30 -16.91 18.27 3.21
N PHE B 31 -15.68 18.70 2.97
CA PHE B 31 -15.16 19.91 3.61
C PHE B 31 -14.09 20.48 2.69
N GLU B 32 -13.84 21.77 2.82
CA GLU B 32 -12.84 22.44 2.00
C GLU B 32 -11.42 22.07 2.38
N ALA B 33 -10.65 21.64 1.39
CA ALA B 33 -9.27 21.28 1.60
C ALA B 33 -8.56 22.62 1.60
N ASP B 34 -7.69 22.81 2.58
CA ASP B 34 -6.94 24.04 2.77
C ASP B 34 -6.59 24.90 1.56
N GLY B 35 -5.38 24.76 1.03
CA GLY B 35 -4.98 25.59 -0.10
C GLY B 35 -5.38 25.05 -1.46
N TYR B 36 -6.65 24.65 -1.57
CA TYR B 36 -7.16 24.09 -2.82
C TYR B 36 -7.10 25.06 -3.98
N ARG B 37 -7.04 26.36 -3.68
CA ARG B 37 -6.99 27.39 -4.72
C ARG B 37 -5.84 27.20 -5.71
N PHE B 38 -4.69 26.81 -5.18
CA PHE B 38 -3.48 26.62 -5.97
C PHE B 38 -3.36 25.24 -6.58
N ASN B 39 -4.06 24.28 -5.98
CA ASN B 39 -4.02 22.90 -6.46
C ASN B 39 -4.44 22.82 -7.92
N PRO B 40 -3.57 22.26 -8.77
CA PRO B 40 -3.87 22.11 -10.19
C PRO B 40 -5.08 21.20 -10.46
N ARG B 41 -5.42 20.36 -9.50
CA ARG B 41 -6.58 19.49 -9.64
C ARG B 41 -7.82 20.36 -9.74
N PHE B 42 -7.77 21.50 -9.05
CA PHE B 42 -8.87 22.45 -9.05
C PHE B 42 -8.74 23.43 -10.21
N ARG B 43 -7.55 23.99 -10.38
CA ARG B 43 -7.31 24.93 -11.46
C ARG B 43 -7.55 24.31 -12.82
N TYR B 44 -7.04 23.09 -13.00
CA TYR B 44 -7.13 22.39 -14.28
C TYR B 44 -7.99 21.13 -14.36
N GLY B 45 -8.24 20.48 -13.23
CA GLY B 45 -9.04 19.28 -13.21
C GLY B 45 -10.51 19.53 -12.97
N ASN B 46 -11.22 18.48 -12.57
CA ASN B 46 -12.65 18.58 -12.32
C ASN B 46 -12.97 18.52 -10.84
N TRP B 47 -12.00 18.92 -10.01
CA TRP B 47 -12.14 18.93 -8.56
C TRP B 47 -12.61 20.29 -8.07
N ASP B 48 -13.57 20.30 -7.14
CA ASP B 48 -14.10 21.56 -6.60
C ASP B 48 -13.38 22.01 -5.34
N GLY B 49 -12.26 21.35 -5.05
CA GLY B 49 -11.47 21.71 -3.88
C GLY B 49 -11.97 21.15 -2.56
N ARG B 50 -12.99 20.30 -2.62
CA ARG B 50 -13.54 19.72 -1.40
C ARG B 50 -13.17 18.25 -1.25
N ILE B 51 -12.84 17.87 -0.01
CA ILE B 51 -12.49 16.49 0.29
C ILE B 51 -13.78 15.79 0.70
N ARG B 52 -14.02 14.60 0.13
CA ARG B 52 -15.23 13.85 0.45
C ARG B 52 -14.85 12.56 1.18
N LEU B 53 -15.45 12.36 2.35
CA LEU B 53 -15.15 11.22 3.19
C LEU B 53 -15.90 9.91 2.88
N LEU B 54 -16.96 10.00 2.09
CA LEU B 54 -17.72 8.81 1.68
C LEU B 54 -17.15 8.48 0.30
N ASP B 55 -16.36 7.41 0.21
CA ASP B 55 -15.74 7.04 -1.05
C ASP B 55 -16.65 6.34 -2.03
N TYR B 56 -16.09 5.98 -3.19
CA TYR B 56 -16.84 5.31 -4.23
C TYR B 56 -17.23 3.87 -3.96
N ASN B 57 -16.74 3.32 -2.86
CA ASN B 57 -17.09 1.96 -2.47
C ASN B 57 -18.21 2.10 -1.46
N ARG B 58 -18.72 3.32 -1.35
CA ARG B 58 -19.80 3.68 -0.44
C ARG B 58 -19.44 3.41 1.03
N LEU B 59 -18.18 3.62 1.36
CA LEU B 59 -17.73 3.42 2.73
C LEU B 59 -17.56 4.79 3.39
N LEU B 60 -18.03 4.90 4.63
CA LEU B 60 -17.96 6.13 5.39
C LEU B 60 -17.24 5.85 6.69
N PRO B 61 -16.31 6.74 7.10
CA PRO B 61 -15.62 6.50 8.36
C PRO B 61 -16.64 6.32 9.49
N PHE B 62 -16.53 5.17 10.14
CA PHE B 62 -17.39 4.72 11.22
C PHE B 62 -17.83 5.82 12.18
N GLY B 63 -16.85 6.59 12.68
CA GLY B 63 -17.14 7.65 13.63
C GLY B 63 -18.19 8.65 13.19
N LEU B 64 -18.44 8.74 11.89
CA LEU B 64 -19.40 9.70 11.36
C LEU B 64 -20.85 9.20 11.23
N VAL B 65 -21.10 7.91 11.43
CA VAL B 65 -22.46 7.37 11.29
C VAL B 65 -23.52 8.16 12.04
N GLY B 66 -23.17 8.63 13.23
CA GLY B 66 -24.13 9.40 14.01
C GLY B 66 -24.67 10.63 13.31
N GLN B 67 -23.87 11.20 12.42
CA GLN B 67 -24.27 12.40 11.69
C GLN B 67 -25.24 12.20 10.53
N ILE B 68 -25.50 10.97 10.16
CA ILE B 68 -26.40 10.73 9.03
C ILE B 68 -27.83 11.17 9.34
N LYS B 69 -28.21 11.11 10.62
CA LYS B 69 -29.55 11.51 11.03
C LYS B 69 -29.87 12.94 10.59
N LYS B 70 -28.91 13.85 10.74
CA LYS B 70 -29.12 15.24 10.34
C LYS B 70 -29.49 15.28 8.86
N PHE B 71 -28.70 14.55 8.06
CA PHE B 71 -28.90 14.46 6.62
C PHE B 71 -30.32 13.98 6.30
N CYS B 72 -30.71 12.86 6.91
CA CYS B 72 -32.03 12.30 6.67
C CYS B 72 -33.16 13.22 7.08
N ASP B 73 -33.07 13.81 8.27
CA ASP B 73 -34.14 14.71 8.69
C ASP B 73 -34.23 15.90 7.76
N ASN B 74 -33.07 16.39 7.32
CA ASN B 74 -32.99 17.53 6.41
C ASN B 74 -33.66 17.25 5.06
N PHE B 75 -33.26 16.16 4.41
CA PHE B 75 -33.80 15.80 3.12
C PHE B 75 -35.10 14.99 3.19
N GLY B 76 -35.51 14.65 4.40
CA GLY B 76 -36.73 13.87 4.58
C GLY B 76 -36.59 12.42 4.16
N TYR B 77 -35.42 11.83 4.38
CA TYR B 77 -35.17 10.43 4.04
C TYR B 77 -35.39 9.50 5.22
N LYS B 78 -35.80 8.27 4.91
CA LYS B 78 -36.02 7.24 5.92
C LYS B 78 -34.80 6.33 5.86
N ALA B 79 -34.22 6.00 7.00
CA ALA B 79 -33.05 5.12 6.98
C ALA B 79 -33.10 4.02 8.03
N TRP B 80 -32.43 2.91 7.70
CA TRP B 80 -32.32 1.74 8.57
C TRP B 80 -30.84 1.60 8.84
N ILE B 81 -30.47 1.56 10.11
CA ILE B 81 -29.06 1.40 10.46
C ILE B 81 -28.82 0.03 11.11
N ASP B 82 -27.82 -0.68 10.59
CA ASP B 82 -27.44 -2.00 11.10
C ASP B 82 -27.26 -1.86 12.61
N PRO B 83 -28.06 -2.57 13.43
CA PRO B 83 -27.93 -2.46 14.87
C PRO B 83 -26.52 -2.67 15.46
N GLN B 84 -25.75 -3.58 14.87
CA GLN B 84 -24.39 -3.85 15.35
C GLN B 84 -23.54 -2.56 15.41
N ILE B 85 -23.80 -1.64 14.48
CA ILE B 85 -23.10 -0.37 14.41
C ILE B 85 -23.24 0.43 15.69
N ASN B 86 -24.44 0.38 16.29
CA ASN B 86 -24.74 1.12 17.51
C ASN B 86 -24.51 0.32 18.79
N GLU B 87 -23.81 -0.79 18.67
CA GLU B 87 -23.53 -1.64 19.82
C GLU B 87 -22.72 -0.89 20.87
N LYS B 88 -23.08 -1.10 22.14
CA LYS B 88 -22.39 -0.45 23.24
C LYS B 88 -21.81 -1.50 24.19
N GLU B 89 -20.85 -1.09 25.03
CA GLU B 89 -20.25 -1.98 26.02
C GLU B 89 -21.29 -2.29 27.10
N GLU B 90 -21.42 -3.57 27.44
CA GLU B 90 -22.34 -3.99 28.50
C GLU B 90 -21.62 -3.71 29.81
N LEU B 91 -21.55 -2.43 30.16
CA LEU B 91 -20.86 -1.99 31.37
C LEU B 91 -21.67 -0.94 32.10
N SER B 92 -22.28 -1.32 33.22
CA SER B 92 -23.06 -0.36 33.99
C SER B 92 -22.09 0.50 34.78
N ARG B 93 -22.50 1.72 35.10
CA ARG B 93 -21.63 2.61 35.87
C ARG B 93 -21.27 1.98 37.22
N LYS B 94 -22.21 1.22 37.78
CA LYS B 94 -22.03 0.54 39.06
C LYS B 94 -20.88 -0.46 39.01
N ASP B 95 -20.86 -1.27 37.94
CA ASP B 95 -19.81 -2.26 37.76
C ASP B 95 -18.49 -1.60 37.38
N PHE B 96 -18.57 -0.43 36.78
CA PHE B 96 -17.39 0.33 36.38
C PHE B 96 -16.67 0.85 37.62
N ASP B 97 -17.45 1.41 38.54
CA ASP B 97 -16.90 1.93 39.78
C ASP B 97 -16.35 0.79 40.64
N GLU B 98 -17.03 -0.36 40.60
CA GLU B 98 -16.59 -1.53 41.35
C GLU B 98 -15.22 -2.00 40.82
N TRP B 99 -15.10 -2.03 39.49
CA TRP B 99 -13.85 -2.42 38.84
C TRP B 99 -12.71 -1.49 39.26
N LEU B 100 -12.96 -0.18 39.20
CA LEU B 100 -11.96 0.81 39.59
C LEU B 100 -11.54 0.70 41.06
N SER B 101 -12.51 0.49 41.95
CA SER B 101 -12.22 0.40 43.38
C SER B 101 -11.26 -0.73 43.73
N LYS B 102 -11.20 -1.76 42.91
CA LYS B 102 -10.31 -2.88 43.18
C LYS B 102 -8.94 -2.73 42.54
N LEU B 103 -8.72 -1.62 41.85
CA LEU B 103 -7.42 -1.37 41.23
C LEU B 103 -6.62 -0.46 42.18
N GLU B 104 -5.33 -0.76 42.35
CA GLU B 104 -4.49 0.06 43.22
C GLU B 104 -3.55 0.87 42.33
N ILE B 105 -3.98 2.09 42.04
CA ILE B 105 -3.24 3.02 41.19
C ILE B 105 -2.28 3.88 42.01
N TYR B 106 -1.04 3.96 41.57
CA TYR B 106 -0.05 4.73 42.30
C TYR B 106 0.57 5.91 41.54
N SER B 107 1.11 6.85 42.31
CA SER B 107 1.79 8.03 41.78
C SER B 107 3.26 7.62 41.88
N GLY B 108 3.83 7.88 43.05
CA GLY B 108 5.20 7.49 43.29
C GLY B 108 5.06 6.24 44.12
N ASN B 109 5.09 6.41 45.44
CA ASN B 109 4.97 5.28 46.33
C ASN B 109 3.64 5.30 47.08
N LYS B 110 2.76 6.24 46.74
CA LYS B 110 1.46 6.32 47.40
C LYS B 110 0.32 6.12 46.40
N ARG B 111 -0.75 5.48 46.86
CA ARG B 111 -1.91 5.19 46.02
C ARG B 111 -2.71 6.47 45.74
N ILE B 112 -3.18 6.60 44.50
CA ILE B 112 -3.98 7.74 44.11
C ILE B 112 -5.35 7.27 43.62
N GLU B 113 -6.27 8.21 43.46
CA GLU B 113 -7.61 7.90 42.98
C GLU B 113 -7.87 8.75 41.72
N PRO B 114 -8.52 8.17 40.70
CA PRO B 114 -8.73 9.03 39.54
C PRO B 114 -9.81 10.08 39.82
N HIS B 115 -9.67 11.25 39.20
CA HIS B 115 -10.64 12.31 39.37
C HIS B 115 -11.95 11.95 38.68
N TRP B 116 -13.01 12.69 39.02
CA TRP B 116 -14.32 12.45 38.44
C TRP B 116 -14.30 12.60 36.92
N TYR B 117 -13.59 13.61 36.43
CA TYR B 117 -13.53 13.84 34.99
C TYR B 117 -12.70 12.78 34.29
N GLN B 118 -11.78 12.16 35.02
CA GLN B 118 -10.98 11.11 34.41
C GLN B 118 -11.83 9.87 34.34
N LYS B 119 -12.62 9.63 35.38
CA LYS B 119 -13.50 8.47 35.43
C LYS B 119 -14.60 8.54 34.39
N ASP B 120 -15.22 9.72 34.24
CA ASP B 120 -16.29 9.88 33.26
C ASP B 120 -15.79 9.69 31.85
N ALA B 121 -14.59 10.19 31.58
CA ALA B 121 -13.98 10.08 30.26
C ALA B 121 -13.80 8.59 29.92
N VAL B 122 -13.19 7.84 30.81
CA VAL B 122 -12.99 6.41 30.60
C VAL B 122 -14.33 5.67 30.45
N PHE B 123 -15.31 6.02 31.28
CA PHE B 123 -16.63 5.38 31.21
C PHE B 123 -17.37 5.64 29.90
N GLU B 124 -17.39 6.90 29.47
CA GLU B 124 -18.04 7.28 28.21
C GLU B 124 -17.34 6.59 27.05
N GLY B 125 -16.01 6.58 27.12
CA GLY B 125 -15.22 5.96 26.07
C GLY B 125 -15.48 4.48 25.89
N LEU B 126 -15.40 3.71 26.97
CA LEU B 126 -15.64 2.26 26.89
C LEU B 126 -17.06 1.93 26.42
N VAL B 127 -18.06 2.51 27.07
CA VAL B 127 -19.45 2.24 26.72
C VAL B 127 -19.77 2.55 25.25
N ASN B 128 -19.23 3.64 24.74
CA ASN B 128 -19.49 4.04 23.37
C ASN B 128 -18.47 3.62 22.32
N ARG B 129 -17.42 2.93 22.77
CA ARG B 129 -16.35 2.41 21.91
C ARG B 129 -15.41 3.41 21.25
N ARG B 130 -15.95 4.48 20.67
CA ARG B 130 -15.13 5.47 19.99
C ARG B 130 -15.59 6.90 20.33
N ARG B 131 -14.64 7.73 20.74
CA ARG B 131 -14.91 9.12 21.11
C ARG B 131 -13.65 9.98 21.07
N ILE B 132 -13.85 11.28 20.98
CA ILE B 132 -12.77 12.24 21.06
C ILE B 132 -12.98 12.79 22.48
N LEU B 133 -12.12 12.40 23.40
CA LEU B 133 -12.24 12.86 24.78
C LEU B 133 -11.65 14.27 24.86
N ASN B 134 -12.53 15.24 25.04
CA ASN B 134 -12.14 16.64 25.10
C ASN B 134 -11.79 17.08 26.52
N LEU B 135 -10.51 17.00 26.86
CA LEU B 135 -10.00 17.40 28.17
C LEU B 135 -8.64 18.05 27.98
N PRO B 136 -8.28 18.99 28.88
CA PRO B 136 -6.99 19.67 28.80
C PRO B 136 -5.82 18.79 29.21
N THR B 137 -4.61 19.21 28.87
CA THR B 137 -3.41 18.46 29.19
C THR B 137 -3.21 18.36 30.70
N SER B 138 -3.96 19.16 31.44
CA SER B 138 -3.87 19.15 32.89
C SER B 138 -4.81 18.13 33.54
N ALA B 139 -5.59 17.41 32.71
CA ALA B 139 -6.53 16.42 33.22
C ALA B 139 -5.85 15.06 33.39
N GLY B 140 -4.52 15.06 33.44
CA GLY B 140 -3.77 13.82 33.58
C GLY B 140 -4.26 12.75 32.63
N ARG B 141 -4.28 13.08 31.33
CA ARG B 141 -4.75 12.17 30.31
C ARG B 141 -4.04 10.83 30.23
N SER B 142 -2.82 10.74 30.74
CA SER B 142 -2.11 9.47 30.69
C SER B 142 -2.81 8.41 31.53
N LEU B 143 -3.46 8.80 32.62
CA LEU B 143 -4.17 7.85 33.47
C LEU B 143 -5.43 7.39 32.74
N ILE B 144 -6.09 8.31 32.04
CA ILE B 144 -7.30 7.97 31.30
C ILE B 144 -6.94 6.87 30.30
N GLN B 145 -5.83 7.06 29.60
CA GLN B 145 -5.36 6.10 28.61
C GLN B 145 -4.96 4.78 29.26
N ALA B 146 -4.27 4.88 30.39
CA ALA B 146 -3.84 3.69 31.12
C ALA B 146 -5.05 2.87 31.55
N LEU B 147 -6.10 3.54 32.00
CA LEU B 147 -7.31 2.86 32.43
C LEU B 147 -8.06 2.25 31.24
N LEU B 148 -8.06 2.96 30.12
CA LEU B 148 -8.72 2.47 28.91
C LEU B 148 -8.02 1.21 28.42
N ALA B 149 -6.69 1.26 28.37
CA ALA B 149 -5.87 0.14 27.91
C ALA B 149 -5.95 -1.06 28.87
N ARG B 150 -5.97 -0.78 30.17
CA ARG B 150 -6.03 -1.84 31.17
C ARG B 150 -7.36 -2.58 31.08
N TYR B 151 -8.45 -1.86 30.92
CA TYR B 151 -9.77 -2.48 30.80
C TYR B 151 -9.80 -3.41 29.59
N TYR B 152 -9.35 -2.92 28.45
CA TYR B 152 -9.32 -3.70 27.21
C TYR B 152 -8.51 -4.98 27.37
N LEU B 153 -7.36 -4.85 28.00
CA LEU B 153 -6.46 -5.98 28.23
C LEU B 153 -7.10 -7.09 29.07
N GLU B 154 -7.87 -6.70 30.08
CA GLU B 154 -8.52 -7.67 30.95
C GLU B 154 -9.71 -8.37 30.31
N ASN B 155 -10.37 -7.67 29.41
CA ASN B 155 -11.57 -8.19 28.76
C ASN B 155 -11.46 -8.65 27.32
N TYR B 156 -10.36 -8.33 26.65
CA TYR B 156 -10.25 -8.73 25.25
C TYR B 156 -8.90 -9.28 24.85
N GLU B 157 -8.89 -9.92 23.68
CA GLU B 157 -7.68 -10.46 23.09
C GLU B 157 -7.37 -9.35 22.09
N GLY B 158 -6.13 -9.25 21.63
CA GLY B 158 -5.83 -8.19 20.68
C GLY B 158 -4.90 -7.19 21.30
N LYS B 159 -4.30 -6.34 20.48
CA LYS B 159 -3.36 -5.36 20.97
C LYS B 159 -3.89 -3.93 21.03
N ILE B 160 -3.09 -3.07 21.65
CA ILE B 160 -3.42 -1.66 21.81
C ILE B 160 -2.30 -0.81 21.23
N LEU B 161 -2.68 0.14 20.37
CA LEU B 161 -1.74 1.04 19.74
C LEU B 161 -1.93 2.43 20.36
N ILE B 162 -0.86 3.04 20.82
CA ILE B 162 -0.97 4.37 21.38
C ILE B 162 -0.07 5.28 20.58
N ILE B 163 -0.68 6.25 19.90
CA ILE B 163 0.07 7.20 19.09
C ILE B 163 0.25 8.49 19.89
N VAL B 164 1.51 8.91 20.01
CA VAL B 164 1.84 10.12 20.73
C VAL B 164 2.57 11.09 19.81
N PRO B 165 2.64 12.38 20.18
CA PRO B 165 3.31 13.36 19.34
C PRO B 165 4.83 13.27 19.11
N THR B 166 5.59 12.76 20.07
CA THR B 166 7.04 12.66 19.88
C THR B 166 7.63 11.33 20.32
N THR B 167 8.87 11.12 19.91
CA THR B 167 9.59 9.90 20.26
C THR B 167 9.83 9.91 21.78
N ALA B 168 10.11 11.08 22.32
CA ALA B 168 10.34 11.21 23.76
C ALA B 168 9.07 10.90 24.53
N LEU B 169 7.93 11.35 24.02
CA LEU B 169 6.64 11.11 24.67
C LEU B 169 6.21 9.65 24.58
N THR B 170 6.95 8.87 23.80
CA THR B 170 6.70 7.44 23.63
C THR B 170 7.20 6.77 24.90
N THR B 171 8.31 7.28 25.42
CA THR B 171 8.93 6.76 26.64
C THR B 171 8.14 7.30 27.83
N GLN B 172 7.67 8.54 27.70
CA GLN B 172 6.87 9.19 28.72
C GLN B 172 5.68 8.30 29.07
N MET B 173 4.94 7.94 28.04
CA MET B 173 3.75 7.09 28.14
C MET B 173 4.04 5.75 28.81
N ALA B 174 5.09 5.07 28.36
CA ALA B 174 5.47 3.77 28.92
C ALA B 174 5.80 3.94 30.39
N ASP B 175 6.59 4.98 30.70
CA ASP B 175 6.97 5.25 32.07
C ASP B 175 5.75 5.61 32.91
N ASP B 176 4.79 6.31 32.32
CA ASP B 176 3.59 6.68 33.07
C ASP B 176 2.77 5.45 33.42
N PHE B 177 2.54 4.59 32.42
CA PHE B 177 1.77 3.37 32.62
C PHE B 177 2.39 2.46 33.69
N VAL B 178 3.72 2.41 33.73
CA VAL B 178 4.42 1.57 34.69
C VAL B 178 4.39 2.20 36.08
N ASP B 179 4.49 3.53 36.14
CA ASP B 179 4.47 4.21 37.42
C ASP B 179 3.12 4.08 38.11
N TYR B 180 2.05 4.09 37.33
CA TYR B 180 0.70 3.92 37.87
C TYR B 180 0.62 2.52 38.44
N ARG B 181 1.50 1.67 37.92
CA ARG B 181 1.59 0.26 38.32
C ARG B 181 0.47 -0.55 37.67
N LEU B 182 -0.12 0.00 36.61
CA LEU B 182 -1.18 -0.69 35.88
C LEU B 182 -0.53 -1.59 34.81
N PHE B 183 0.72 -1.30 34.47
CA PHE B 183 1.46 -2.07 33.47
C PHE B 183 2.92 -2.22 33.89
N SER B 184 3.65 -3.05 33.14
CA SER B 184 5.07 -3.27 33.35
C SER B 184 5.69 -2.97 31.99
N HIS B 185 6.98 -2.63 31.94
CA HIS B 185 7.58 -2.34 30.66
C HIS B 185 7.57 -3.55 29.71
N ALA B 186 7.55 -4.75 30.28
CA ALA B 186 7.53 -5.95 29.48
C ALA B 186 6.19 -6.04 28.71
N MET B 187 5.22 -5.23 29.12
CA MET B 187 3.90 -5.23 28.46
C MET B 187 3.81 -4.10 27.44
N ILE B 188 4.81 -3.23 27.42
CA ILE B 188 4.77 -2.09 26.52
C ILE B 188 5.95 -2.06 25.59
N LYS B 189 5.67 -2.04 24.29
CA LYS B 189 6.70 -2.01 23.26
C LYS B 189 6.78 -0.63 22.60
N LYS B 190 7.92 0.04 22.75
CA LYS B 190 8.13 1.35 22.12
C LYS B 190 8.71 1.15 20.73
N ILE B 191 8.12 1.80 19.74
CA ILE B 191 8.59 1.66 18.38
C ILE B 191 9.07 2.97 17.75
N GLY B 192 9.98 2.84 16.78
CA GLY B 192 10.51 3.97 16.03
C GLY B 192 11.27 5.11 16.69
N GLY B 193 12.36 4.80 17.38
CA GLY B 193 13.13 5.88 17.99
C GLY B 193 13.01 5.99 19.49
N GLY B 194 11.76 5.96 19.99
CA GLY B 194 11.57 6.03 21.43
C GLY B 194 12.01 4.70 21.99
N ALA B 195 12.09 3.72 21.10
CA ALA B 195 12.47 2.35 21.42
C ALA B 195 13.74 2.21 22.24
N SER B 196 13.70 1.33 23.24
CA SER B 196 14.87 1.06 24.08
C SER B 196 15.48 -0.26 23.58
N LYS B 197 16.55 -0.71 24.25
CA LYS B 197 17.19 -1.94 23.85
C LYS B 197 16.29 -3.14 24.06
N ASP B 198 15.59 -3.16 25.21
CA ASP B 198 14.68 -4.24 25.56
C ASP B 198 13.56 -4.43 24.55
N ASP B 199 13.11 -3.34 23.95
CA ASP B 199 12.07 -3.43 22.94
C ASP B 199 12.69 -4.22 21.80
N LYS B 200 12.12 -4.15 20.61
CA LYS B 200 12.70 -4.87 19.49
C LYS B 200 12.81 -6.37 19.82
N TYR B 201 12.12 -6.78 20.89
CA TYR B 201 12.09 -8.15 21.33
C TYR B 201 10.66 -8.42 21.80
N LYS B 202 10.03 -7.35 22.26
CA LYS B 202 8.67 -7.39 22.78
C LYS B 202 7.56 -7.74 21.78
N ASN B 203 7.76 -8.82 21.03
CA ASN B 203 6.76 -9.25 20.06
C ASN B 203 5.48 -9.69 20.76
N ASP B 204 5.62 -10.03 22.04
CA ASP B 204 4.51 -10.46 22.87
C ASP B 204 3.70 -9.24 23.34
N ALA B 205 4.42 -8.20 23.77
CA ALA B 205 3.82 -6.97 24.29
C ALA B 205 2.48 -6.60 23.67
N PRO B 206 1.43 -6.52 24.50
CA PRO B 206 0.06 -6.18 24.09
C PRO B 206 -0.13 -4.69 23.79
N VAL B 207 0.75 -3.86 24.32
CA VAL B 207 0.66 -2.42 24.10
C VAL B 207 1.83 -1.93 23.24
N VAL B 208 1.51 -1.18 22.19
CA VAL B 208 2.53 -0.64 21.30
C VAL B 208 2.43 0.87 21.32
N VAL B 209 3.56 1.55 21.52
CA VAL B 209 3.57 3.01 21.58
C VAL B 209 4.52 3.61 20.54
N GLY B 210 3.96 4.48 19.70
CA GLY B 210 4.76 5.12 18.66
C GLY B 210 4.20 6.46 18.24
N THR B 211 4.87 7.08 17.28
CA THR B 211 4.48 8.38 16.77
C THR B 211 3.81 8.20 15.41
N TRP B 212 3.11 9.23 14.94
CA TRP B 212 2.48 9.17 13.64
C TRP B 212 3.55 8.87 12.58
N GLN B 213 4.67 9.59 12.67
CA GLN B 213 5.81 9.43 11.77
C GLN B 213 6.12 7.95 11.52
N THR B 214 6.42 7.23 12.60
CA THR B 214 6.75 5.83 12.50
C THR B 214 5.54 4.93 12.19
N VAL B 215 4.39 5.23 12.78
CA VAL B 215 3.19 4.44 12.54
C VAL B 215 2.75 4.45 11.06
N VAL B 216 2.72 5.63 10.44
CA VAL B 216 2.32 5.76 9.04
C VAL B 216 3.15 4.92 8.05
N LYS B 217 4.38 4.58 8.45
CA LYS B 217 5.27 3.80 7.59
C LYS B 217 4.91 2.31 7.60
N GLN B 218 4.01 1.90 8.49
CA GLN B 218 3.61 0.51 8.60
C GLN B 218 2.65 0.03 7.52
N PRO B 219 2.69 -1.27 7.21
CA PRO B 219 1.81 -1.87 6.19
C PRO B 219 0.39 -2.08 6.71
N LYS B 220 -0.57 -2.09 5.79
CA LYS B 220 -1.98 -2.27 6.13
C LYS B 220 -2.21 -3.43 7.10
N GLU B 221 -1.59 -4.56 6.82
CA GLU B 221 -1.74 -5.76 7.65
C GLU B 221 -1.35 -5.54 9.11
N TRP B 222 -0.32 -4.73 9.34
CA TRP B 222 0.16 -4.46 10.69
C TRP B 222 -0.92 -3.91 11.61
N PHE B 223 -1.85 -3.12 11.07
CA PHE B 223 -2.89 -2.53 11.89
C PHE B 223 -4.05 -3.42 12.29
N SER B 224 -4.27 -4.53 11.59
CA SER B 224 -5.39 -5.39 11.96
C SER B 224 -5.24 -6.11 13.29
N GLN B 225 -4.06 -6.02 13.92
CA GLN B 225 -3.84 -6.68 15.20
C GLN B 225 -4.33 -5.88 16.41
N PHE B 226 -4.68 -4.62 16.17
CA PHE B 226 -5.13 -3.75 17.25
C PHE B 226 -6.63 -3.74 17.49
N GLY B 227 -7.02 -3.99 18.75
CA GLY B 227 -8.42 -3.99 19.11
C GLY B 227 -8.80 -2.62 19.65
N MET B 228 -7.79 -1.87 20.11
CA MET B 228 -8.00 -0.52 20.64
C MET B 228 -6.86 0.39 20.17
N MET B 229 -7.19 1.65 19.95
CA MET B 229 -6.19 2.64 19.54
C MET B 229 -6.55 3.99 20.18
N MET B 230 -5.53 4.72 20.60
CA MET B 230 -5.70 6.04 21.21
C MET B 230 -4.63 6.94 20.61
N ASN B 231 -4.97 8.21 20.45
CA ASN B 231 -4.02 9.19 19.94
C ASN B 231 -4.10 10.41 20.86
N ASP B 232 -3.06 10.62 21.68
CA ASP B 232 -3.06 11.76 22.59
C ASP B 232 -2.52 12.99 21.84
N GLU B 233 -3.21 14.12 21.97
CA GLU B 233 -2.85 15.35 21.27
C GLU B 233 -3.16 15.06 19.80
N CYS B 234 -4.32 14.47 19.57
CA CYS B 234 -4.73 14.09 18.22
C CYS B 234 -5.01 15.27 17.29
N HIS B 235 -5.13 16.46 17.86
CA HIS B 235 -5.39 17.65 17.06
C HIS B 235 -4.14 17.99 16.25
N LEU B 236 -3.06 17.24 16.51
CA LEU B 236 -1.81 17.45 15.81
C LEU B 236 -1.70 16.47 14.65
N ALA B 237 -2.65 15.54 14.57
CA ALA B 237 -2.65 14.56 13.49
C ALA B 237 -3.14 15.22 12.21
N THR B 238 -2.57 14.82 11.08
CA THR B 238 -2.95 15.39 9.79
C THR B 238 -4.00 14.52 9.09
N GLY B 239 -4.85 15.15 8.29
CA GLY B 239 -5.86 14.40 7.57
C GLY B 239 -5.20 13.33 6.72
N LYS B 240 -4.04 13.68 6.16
CA LYS B 240 -3.29 12.75 5.32
C LYS B 240 -2.92 11.48 6.09
N SER B 241 -2.45 11.65 7.33
CA SER B 241 -2.05 10.53 8.18
C SER B 241 -3.22 9.65 8.60
N ILE B 242 -4.33 10.28 8.97
CA ILE B 242 -5.54 9.55 9.38
C ILE B 242 -6.01 8.67 8.22
N SER B 243 -6.28 9.31 7.09
CA SER B 243 -6.76 8.60 5.90
C SER B 243 -5.88 7.44 5.43
N SER B 244 -4.57 7.52 5.67
CA SER B 244 -3.70 6.44 5.21
C SER B 244 -3.73 5.18 6.10
N ILE B 245 -4.01 5.34 7.38
CA ILE B 245 -4.05 4.20 8.30
C ILE B 245 -5.45 3.80 8.77
N ILE B 246 -6.43 4.68 8.61
CA ILE B 246 -7.78 4.41 9.08
C ILE B 246 -8.39 3.09 8.61
N SER B 247 -8.18 2.73 7.35
CA SER B 247 -8.71 1.48 6.82
C SER B 247 -7.91 0.27 7.33
N GLY B 248 -6.71 0.51 7.83
CA GLY B 248 -5.90 -0.57 8.34
C GLY B 248 -6.41 -1.10 9.67
N LEU B 249 -6.90 -0.18 10.52
CA LEU B 249 -7.44 -0.50 11.84
C LEU B 249 -8.86 -1.03 11.68
N ASN B 250 -8.97 -2.15 10.97
CA ASN B 250 -10.26 -2.78 10.69
C ASN B 250 -10.88 -3.59 11.83
N ASN B 251 -10.06 -4.01 12.80
CA ASN B 251 -10.54 -4.78 13.94
C ASN B 251 -10.49 -3.93 15.20
N CYS B 252 -10.16 -2.65 15.00
CA CYS B 252 -10.05 -1.71 16.11
C CYS B 252 -11.39 -1.23 16.63
N MET B 253 -12.01 -2.04 17.48
CA MET B 253 -13.32 -1.73 18.05
C MET B 253 -13.33 -0.44 18.88
N PHE B 254 -12.24 -0.18 19.59
CA PHE B 254 -12.14 1.00 20.43
C PHE B 254 -11.18 2.01 19.80
N LYS B 255 -11.61 3.26 19.70
CA LYS B 255 -10.75 4.31 19.15
C LYS B 255 -10.99 5.61 19.91
N PHE B 256 -9.92 6.22 20.39
CA PHE B 256 -10.05 7.45 21.14
C PHE B 256 -9.04 8.52 20.78
N GLY B 257 -9.52 9.74 20.66
CA GLY B 257 -8.64 10.85 20.38
C GLY B 257 -8.69 11.68 21.64
N LEU B 258 -7.54 12.15 22.15
CA LEU B 258 -7.56 12.97 23.35
C LEU B 258 -6.94 14.34 23.04
N SER B 259 -7.71 15.39 23.26
CA SER B 259 -7.22 16.74 23.02
C SER B 259 -8.01 17.79 23.76
N GLY B 260 -7.33 18.86 24.13
CA GLY B 260 -7.99 19.96 24.82
C GLY B 260 -8.03 21.16 23.88
N SER B 261 -7.46 20.97 22.68
CA SER B 261 -7.42 22.04 21.67
C SER B 261 -8.01 21.55 20.36
N LEU B 262 -9.17 20.92 20.43
CA LEU B 262 -9.85 20.40 19.26
C LEU B 262 -9.77 21.37 18.09
N ARG B 263 -9.22 20.89 16.98
CA ARG B 263 -9.09 21.71 15.80
C ARG B 263 -10.48 21.87 15.18
N ASP B 264 -11.32 22.59 15.92
CA ASP B 264 -12.70 22.92 15.54
C ASP B 264 -12.67 24.18 14.67
N GLY B 265 -11.51 24.84 14.68
CA GLY B 265 -11.34 26.05 13.88
C GLY B 265 -10.95 25.66 12.47
N LYS B 266 -11.25 24.40 12.10
CA LYS B 266 -10.96 23.86 10.77
C LYS B 266 -12.05 22.85 10.40
N ALA B 267 -12.32 22.76 9.10
CA ALA B 267 -13.35 21.86 8.57
C ALA B 267 -12.97 20.38 8.63
N ASN B 268 -11.70 20.11 8.88
CA ASN B 268 -11.25 18.73 8.96
C ASN B 268 -11.67 18.07 10.26
N ILE B 269 -12.52 18.75 11.04
CA ILE B 269 -12.99 18.19 12.30
C ILE B 269 -13.80 16.96 11.96
N MET B 270 -14.35 16.99 10.75
CA MET B 270 -15.14 15.90 10.23
C MET B 270 -14.31 14.61 10.12
N GLN B 271 -13.06 14.70 9.67
CA GLN B 271 -12.27 13.47 9.56
C GLN B 271 -11.69 13.03 10.90
N TYR B 272 -11.72 13.92 11.89
CA TYR B 272 -11.27 13.56 13.23
C TYR B 272 -12.38 12.74 13.87
N VAL B 273 -13.62 13.20 13.69
CA VAL B 273 -14.76 12.47 14.25
C VAL B 273 -14.93 11.15 13.50
N GLY B 274 -14.53 11.11 12.23
CA GLY B 274 -14.65 9.88 11.46
C GLY B 274 -13.66 8.84 11.93
N MET B 275 -12.48 9.31 12.31
CA MET B 275 -11.42 8.44 12.78
C MET B 275 -11.61 8.04 14.25
N PHE B 276 -12.02 8.99 15.09
CA PHE B 276 -12.17 8.71 16.51
C PHE B 276 -13.58 8.67 17.07
N GLY B 277 -14.53 9.26 16.37
CA GLY B 277 -15.88 9.25 16.89
C GLY B 277 -16.26 10.60 17.48
N GLU B 278 -17.50 10.71 17.92
CA GLU B 278 -18.02 11.93 18.50
C GLU B 278 -17.24 12.49 19.68
N ILE B 279 -17.30 13.80 19.80
CA ILE B 279 -16.62 14.51 20.86
C ILE B 279 -17.37 14.36 22.17
N PHE B 280 -16.63 14.07 23.23
CA PHE B 280 -17.22 14.00 24.56
C PHE B 280 -16.44 14.93 25.46
N LYS B 281 -17.16 15.83 26.14
CA LYS B 281 -16.52 16.76 27.06
C LYS B 281 -17.17 16.58 28.42
N PRO B 282 -16.36 16.26 29.45
CA PRO B 282 -16.92 16.09 30.81
C PRO B 282 -17.47 17.39 31.38
MG MG C . 15.47 -14.08 -7.35
AU AU D . 6.59 -14.67 -13.93
AU AU E . 28.79 -8.41 -5.11
MG MG F . -10.19 18.85 33.73
MG MG G . -19.26 15.77 14.63
AU AU H . -8.50 15.71 18.01
AU AU I . -30.58 8.74 8.81
#